data_2YJ8
#
_entry.id   2YJ8
#
_cell.length_a   45.975
_cell.length_b   57.265
_cell.length_c   76.218
_cell.angle_alpha   90.00
_cell.angle_beta   90.00
_cell.angle_gamma   90.00
#
_symmetry.space_group_name_H-M   'P 21 21 21'
#
loop_
_entity.id
_entity.type
_entity.pdbx_description
1 polymer 'CATHEPSIN L1'
2 non-polymer (2S,4R)-4-(2-chlorophenyl)sulfonyl-N-[1-(iminomethyl)cyclopropyl]-1-[1-(4-iodophenyl)cyclopropyl]carbonyl-pyrrolidine-2-carboxamide
3 non-polymer GLYCEROL
4 water water
#
_entity_poly.entity_id   1
_entity_poly.type   'polypeptide(L)'
_entity_poly.pdbx_seq_one_letter_code
;APRSVDWREKGYVTPVKNQGQCGSCWAFSATGALEGQMFRKTGRLISLSEQNLVDCSGPQGNEGCNGGLMDYAFQYVQDN
GGLDSEESYPYEATEESCKYNPKYSVANDTGFVDIPKQEKALMKAVATVGPISVAIDAGHESFLFYKEGIYFEPDCSSED
MDHGVLVVGYGFESTESDNNKYWLVKNSWGEEWGMGGYVKMAKDRRNHCGIASAASYPTV
;
_entity_poly.pdbx_strand_id   A
#
loop_
_chem_comp.id
_chem_comp.type
_chem_comp.name
_chem_comp.formula
GOL non-polymer GLYCEROL 'C3 H8 O3'
YJ8 non-polymer (2S,4R)-4-(2-chlorophenyl)sulfonyl-N-[1-(iminomethyl)cyclopropyl]-1-[1-(4-iodophenyl)cyclopropyl]carbonyl-pyrrolidine-2-carboxamide 'C25 H25 Cl I N3 O4 S'
#
# COMPACT_ATOMS: atom_id res chain seq x y z
N ALA A 1 17.41 4.63 12.92
CA ALA A 1 16.74 3.54 12.14
C ALA A 1 17.84 2.61 11.61
N PRO A 2 17.51 1.31 11.40
CA PRO A 2 18.45 0.43 10.70
C PRO A 2 18.77 0.95 9.30
N ARG A 3 19.89 0.52 8.73
CA ARG A 3 20.26 0.96 7.38
C ARG A 3 19.36 0.33 6.32
N SER A 4 18.81 -0.83 6.64
N SER A 4 18.81 -0.83 6.64
CA SER A 4 17.89 -1.52 5.76
CA SER A 4 17.91 -1.54 5.74
C SER A 4 16.78 -2.18 6.56
C SER A 4 16.79 -2.22 6.54
N VAL A 5 15.58 -2.19 5.98
CA VAL A 5 14.42 -2.84 6.58
C VAL A 5 13.70 -3.59 5.44
N ASP A 6 13.24 -4.80 5.71
CA ASP A 6 12.39 -5.55 4.78
C ASP A 6 11.40 -6.40 5.55
N TRP A 7 10.17 -5.91 5.68
CA TRP A 7 9.17 -6.56 6.50
C TRP A 7 8.69 -7.85 5.88
N ARG A 8 8.93 -8.06 4.60
CA ARG A 8 8.63 -9.38 3.99
C ARG A 8 9.36 -10.52 4.71
N GLU A 9 10.61 -10.24 5.10
CA GLU A 9 11.43 -11.20 5.79
C GLU A 9 10.89 -11.64 7.15
N LYS A 10 10.06 -10.79 7.75
CA LYS A 10 9.56 -10.98 9.11
C LYS A 10 8.13 -11.51 9.08
N GLY A 11 7.59 -11.76 7.89
CA GLY A 11 6.27 -12.41 7.77
C GLY A 11 5.06 -11.51 7.71
N TYR A 12 5.28 -10.22 7.47
CA TYR A 12 4.22 -9.19 7.56
C TYR A 12 3.43 -8.99 6.26
N VAL A 13 3.88 -9.61 5.15
CA VAL A 13 3.44 -9.22 3.81
C VAL A 13 2.90 -10.41 3.02
N THR A 14 1.68 -10.27 2.50
CA THR A 14 1.09 -11.33 1.69
C THR A 14 1.65 -11.28 0.27
N PRO A 15 1.39 -12.32 -0.53
CA PRO A 15 1.84 -12.25 -1.93
C PRO A 15 1.23 -11.07 -2.71
N VAL A 16 1.91 -10.70 -3.78
CA VAL A 16 1.44 -9.64 -4.65
C VAL A 16 0.12 -10.10 -5.30
N LYS A 17 -0.80 -9.16 -5.35
CA LYS A 17 -2.14 -9.29 -5.90
C LYS A 17 -2.27 -8.41 -7.16
N ASN A 18 -3.42 -8.53 -7.83
CA ASN A 18 -3.63 -7.84 -9.07
C ASN A 18 -5.01 -7.24 -9.07
N GLN A 19 -5.04 -5.92 -9.08
CA GLN A 19 -6.27 -5.10 -9.04
C GLN A 19 -7.08 -5.24 -10.36
N GLY A 20 -6.42 -5.67 -11.44
CA GLY A 20 -7.11 -5.72 -12.73
C GLY A 20 -7.51 -4.35 -13.25
N GLN A 21 -8.59 -4.32 -14.04
CA GLN A 21 -9.11 -3.08 -14.63
CA GLN A 21 -9.11 -3.08 -14.64
C GLN A 21 -10.20 -2.45 -13.76
N CYS A 22 -9.87 -2.29 -12.50
CA CYS A 22 -10.66 -1.54 -11.53
C CYS A 22 -9.72 -0.57 -10.83
N GLY A 23 -10.19 0.66 -10.62
CA GLY A 23 -9.40 1.70 -9.94
C GLY A 23 -9.37 1.57 -8.42
N SER A 24 -8.93 0.39 -7.96
CA SER A 24 -8.98 -0.03 -6.56
C SER A 24 -7.62 -0.10 -5.88
N CYS A 25 -6.63 0.57 -6.46
CA CYS A 25 -5.27 0.57 -5.86
C CYS A 25 -5.31 0.89 -4.36
N TRP A 26 -6.08 1.92 -4.02
CA TRP A 26 -6.24 2.36 -2.63
C TRP A 26 -6.65 1.22 -1.69
N ALA A 27 -7.50 0.33 -2.17
CA ALA A 27 -7.95 -0.80 -1.38
C ALA A 27 -6.83 -1.80 -1.11
N PHE A 28 -6.01 -2.04 -2.13
CA PHE A 28 -4.89 -2.96 -1.98
C PHE A 28 -3.82 -2.35 -1.07
N SER A 29 -3.61 -1.05 -1.17
CA SER A 29 -2.68 -0.35 -0.27
C SER A 29 -3.19 -0.51 1.17
N ALA A 30 -4.49 -0.26 1.37
CA ALA A 30 -5.09 -0.34 2.69
C ALA A 30 -5.04 -1.77 3.30
N THR A 31 -5.44 -2.79 2.53
CA THR A 31 -5.37 -4.17 3.01
C THR A 31 -3.94 -4.50 3.34
N GLY A 32 -2.98 -4.05 2.53
CA GLY A 32 -1.58 -4.41 2.80
C GLY A 32 -1.13 -3.84 4.14
N ALA A 33 -1.50 -2.59 4.43
CA ALA A 33 -1.10 -1.92 5.69
C ALA A 33 -1.78 -2.66 6.88
N LEU A 34 -3.06 -2.98 6.73
N LEU A 34 -3.07 -2.95 6.71
CA LEU A 34 -3.79 -3.62 7.81
CA LEU A 34 -3.84 -3.68 7.74
C LEU A 34 -3.35 -5.10 8.02
C LEU A 34 -3.24 -5.07 8.00
N GLU A 35 -2.97 -5.80 6.93
CA GLU A 35 -2.39 -7.17 7.01
C GLU A 35 -1.14 -7.14 7.90
N GLY A 36 -0.30 -6.14 7.68
CA GLY A 36 0.92 -5.94 8.48
C GLY A 36 0.61 -5.70 9.93
N GLN A 37 -0.34 -4.80 10.19
CA GLN A 37 -0.61 -4.46 11.59
C GLN A 37 -1.34 -5.57 12.33
N MET A 38 -2.21 -6.29 11.64
CA MET A 38 -2.82 -7.46 12.27
C MET A 38 -1.76 -8.54 12.56
N PHE A 39 -0.82 -8.74 11.64
CA PHE A 39 0.22 -9.75 11.87
C PHE A 39 1.02 -9.36 13.12
N ARG A 40 1.36 -8.06 13.23
CA ARG A 40 2.08 -7.58 14.43
C ARG A 40 1.33 -7.90 15.74
N LYS A 41 0.02 -7.69 15.71
CA LYS A 41 -0.86 -7.86 16.84
C LYS A 41 -1.11 -9.32 17.22
N THR A 42 -1.36 -10.18 16.22
CA THR A 42 -1.81 -11.56 16.46
C THR A 42 -0.83 -12.69 16.11
N GLY A 43 0.15 -12.40 15.26
CA GLY A 43 1.08 -13.39 14.76
C GLY A 43 0.54 -14.18 13.60
N ARG A 44 -0.63 -13.76 13.07
CA ARG A 44 -1.27 -14.46 11.96
C ARG A 44 -1.38 -13.54 10.75
N LEU A 45 -0.82 -13.98 9.63
CA LEU A 45 -0.93 -13.31 8.36
C LEU A 45 -2.15 -13.82 7.61
N ILE A 46 -3.16 -12.96 7.46
CA ILE A 46 -4.42 -13.33 6.80
C ILE A 46 -4.72 -12.31 5.73
N SER A 47 -4.85 -12.79 4.50
CA SER A 47 -5.15 -11.91 3.38
C SER A 47 -6.55 -11.33 3.55
N LEU A 48 -6.66 -10.03 3.34
CA LEU A 48 -7.90 -9.29 3.56
C LEU A 48 -8.60 -8.90 2.29
N SER A 49 -9.91 -8.66 2.40
CA SER A 49 -10.78 -8.44 1.24
C SER A 49 -10.79 -7.01 0.69
N GLU A 50 -10.13 -6.79 -0.45
CA GLU A 50 -10.24 -5.53 -1.19
C GLU A 50 -11.68 -5.30 -1.68
N GLN A 51 -12.35 -6.41 -2.08
CA GLN A 51 -13.69 -6.27 -2.58
C GLN A 51 -14.62 -5.68 -1.51
N ASN A 52 -14.45 -6.12 -0.27
CA ASN A 52 -15.23 -5.58 0.85
C ASN A 52 -15.04 -4.08 0.93
N LEU A 53 -13.80 -3.60 0.76
CA LEU A 53 -13.58 -2.17 0.75
C LEU A 53 -14.17 -1.45 -0.49
N VAL A 54 -14.01 -2.04 -1.68
CA VAL A 54 -14.55 -1.46 -2.89
C VAL A 54 -16.08 -1.32 -2.83
N ASP A 55 -16.75 -2.35 -2.34
CA ASP A 55 -18.23 -2.42 -2.31
C ASP A 55 -18.86 -1.59 -1.20
N CYS A 56 -18.17 -1.41 -0.06
CA CYS A 56 -18.82 -0.95 1.17
C CYS A 56 -18.38 0.40 1.75
N SER A 57 -17.27 0.98 1.27
CA SER A 57 -16.74 2.19 1.90
C SER A 57 -17.13 3.53 1.24
N GLY A 58 -18.21 3.51 0.47
CA GLY A 58 -18.79 4.72 -0.07
C GLY A 58 -19.14 5.76 0.97
N PRO A 59 -19.75 5.37 2.08
CA PRO A 59 -20.09 6.40 3.09
C PRO A 59 -18.89 7.20 3.61
N GLN A 60 -17.74 6.56 3.67
CA GLN A 60 -16.53 7.21 4.14
C GLN A 60 -15.86 8.07 3.09
N GLY A 61 -16.36 8.03 1.84
CA GLY A 61 -15.86 8.88 0.79
C GLY A 61 -15.24 8.19 -0.40
N ASN A 62 -15.10 6.86 -0.37
CA ASN A 62 -14.44 6.17 -1.48
C ASN A 62 -15.37 5.98 -2.66
N GLU A 63 -14.74 5.82 -3.82
N GLU A 63 -14.81 5.85 -3.86
CA GLU A 63 -15.41 5.83 -5.12
CA GLU A 63 -15.64 5.76 -5.06
C GLU A 63 -15.22 4.52 -5.86
C GLU A 63 -15.37 4.50 -5.85
N GLY A 64 -15.18 3.41 -5.12
CA GLY A 64 -15.12 2.09 -5.74
C GLY A 64 -13.98 1.88 -6.73
N CYS A 65 -14.34 1.48 -7.95
CA CYS A 65 -13.37 1.33 -9.03
C CYS A 65 -12.96 2.64 -9.70
N ASN A 66 -13.49 3.77 -9.22
CA ASN A 66 -13.11 5.11 -9.65
C ASN A 66 -12.15 5.87 -8.70
N GLY A 67 -11.61 5.14 -7.74
CA GLY A 67 -10.59 5.67 -6.83
C GLY A 67 -11.04 5.82 -5.40
N GLY A 68 -10.10 6.18 -4.53
CA GLY A 68 -10.38 6.25 -3.12
C GLY A 68 -9.13 6.56 -2.35
N LEU A 69 -9.28 6.60 -1.04
CA LEU A 69 -8.19 6.93 -0.13
C LEU A 69 -8.00 5.86 0.91
N MET A 70 -6.74 5.54 1.17
CA MET A 70 -6.45 4.57 2.19
C MET A 70 -7.04 4.99 3.53
N ASP A 71 -6.94 6.26 3.89
CA ASP A 71 -7.46 6.74 5.19
C ASP A 71 -8.99 6.53 5.27
N TYR A 72 -9.70 6.73 4.15
CA TYR A 72 -11.13 6.44 4.15
C TYR A 72 -11.39 4.93 4.34
N ALA A 73 -10.54 4.07 3.78
CA ALA A 73 -10.64 2.64 4.00
C ALA A 73 -10.44 2.30 5.47
N PHE A 74 -9.42 2.88 6.09
CA PHE A 74 -9.19 2.61 7.52
C PHE A 74 -10.36 3.11 8.37
N GLN A 75 -10.97 4.23 7.98
CA GLN A 75 -12.12 4.74 8.70
C GLN A 75 -13.30 3.73 8.56
N TYR A 76 -13.51 3.24 7.34
CA TYR A 76 -14.55 2.24 7.12
C TYR A 76 -14.40 1.06 8.06
N VAL A 77 -13.18 0.53 8.17
CA VAL A 77 -12.97 -0.64 9.03
C VAL A 77 -13.36 -0.30 10.46
N GLN A 78 -12.97 0.88 10.93
CA GLN A 78 -13.34 1.33 12.27
C GLN A 78 -14.85 1.49 12.45
N ASP A 79 -15.47 2.20 11.51
CA ASP A 79 -16.91 2.48 11.56
C ASP A 79 -17.71 1.16 11.52
N ASN A 80 -17.24 0.25 10.69
CA ASN A 80 -17.90 -1.02 10.39
C ASN A 80 -17.73 -2.08 11.46
N GLY A 81 -16.68 -1.93 12.27
CA GLY A 81 -16.34 -2.93 13.26
C GLY A 81 -15.62 -4.17 12.75
N GLY A 82 -15.13 -4.13 11.52
CA GLY A 82 -14.46 -5.29 10.98
C GLY A 82 -14.25 -5.23 9.48
N LEU A 83 -13.51 -6.21 8.99
CA LEU A 83 -13.23 -6.38 7.57
C LEU A 83 -13.11 -7.89 7.31
N ASP A 84 -13.77 -8.36 6.26
CA ASP A 84 -13.73 -9.76 5.92
C ASP A 84 -12.41 -10.17 5.33
N SER A 85 -12.15 -11.47 5.43
CA SER A 85 -10.99 -12.09 4.81
C SER A 85 -11.19 -12.12 3.29
N GLU A 86 -10.06 -12.15 2.58
CA GLU A 86 -10.05 -12.38 1.13
C GLU A 86 -10.77 -13.66 0.76
N GLU A 87 -10.50 -14.72 1.52
CA GLU A 87 -11.15 -16.00 1.27
C GLU A 87 -12.65 -15.92 1.28
N SER A 88 -13.21 -15.27 2.29
CA SER A 88 -14.65 -15.13 2.45
C SER A 88 -15.35 -14.16 1.49
N TYR A 89 -14.60 -13.20 0.95
CA TYR A 89 -15.17 -12.12 0.18
C TYR A 89 -14.20 -11.82 -0.98
N PRO A 90 -14.18 -12.74 -1.99
CA PRO A 90 -13.14 -12.67 -3.00
C PRO A 90 -13.20 -11.47 -3.91
N TYR A 91 -12.07 -11.18 -4.55
CA TYR A 91 -11.97 -10.02 -5.40
C TYR A 91 -12.59 -10.21 -6.80
N GLU A 92 -13.42 -9.27 -7.22
N GLU A 92 -13.43 -9.28 -7.24
CA GLU A 92 -14.18 -9.33 -8.48
CA GLU A 92 -14.14 -9.39 -8.51
C GLU A 92 -13.70 -8.34 -9.53
C GLU A 92 -13.83 -8.26 -9.51
N ALA A 93 -13.04 -7.26 -9.08
CA ALA A 93 -12.59 -6.16 -9.96
C ALA A 93 -13.72 -5.33 -10.62
N THR A 94 -14.89 -5.34 -9.98
CA THR A 94 -16.00 -4.51 -10.38
C THR A 94 -16.70 -4.13 -9.09
N GLU A 95 -17.25 -2.93 -9.03
N GLU A 95 -17.28 -2.92 -9.09
CA GLU A 95 -17.99 -2.56 -7.84
CA GLU A 95 -18.14 -2.42 -8.03
C GLU A 95 -19.38 -3.20 -7.86
C GLU A 95 -19.42 -3.27 -7.92
N GLU A 96 -19.73 -3.77 -6.72
CA GLU A 96 -20.95 -4.55 -6.52
C GLU A 96 -21.64 -4.12 -5.21
N SER A 97 -22.83 -4.62 -4.92
CA SER A 97 -23.48 -4.31 -3.65
C SER A 97 -22.62 -4.82 -2.49
N CYS A 98 -22.72 -4.11 -1.37
CA CYS A 98 -21.99 -4.49 -0.17
C CYS A 98 -22.49 -5.81 0.39
N LYS A 99 -21.57 -6.77 0.54
CA LYS A 99 -21.88 -8.10 1.06
C LYS A 99 -21.10 -8.43 2.33
N TYR A 100 -20.71 -7.40 3.06
CA TYR A 100 -20.02 -7.61 4.32
C TYR A 100 -20.79 -8.55 5.27
N ASN A 101 -20.09 -9.55 5.79
CA ASN A 101 -20.64 -10.49 6.76
C ASN A 101 -19.71 -10.52 7.99
N PRO A 102 -20.21 -10.07 9.16
CA PRO A 102 -19.39 -9.99 10.35
C PRO A 102 -18.88 -11.34 10.86
N LYS A 103 -19.54 -12.44 10.48
CA LYS A 103 -19.09 -13.76 10.88
C LYS A 103 -17.67 -14.04 10.36
N TYR A 104 -17.31 -13.43 9.23
CA TYR A 104 -16.01 -13.68 8.60
C TYR A 104 -15.02 -12.52 8.74
N SER A 105 -15.33 -11.62 9.66
CA SER A 105 -14.41 -10.54 9.97
C SER A 105 -13.15 -11.13 10.61
N VAL A 106 -11.98 -10.72 10.09
CA VAL A 106 -10.69 -11.18 10.63
C VAL A 106 -9.73 -9.98 10.96
N ALA A 107 -10.19 -8.75 10.77
CA ALA A 107 -9.37 -7.55 11.06
C ALA A 107 -10.20 -6.43 11.61
N ASN A 108 -9.54 -5.53 12.35
N ASN A 108 -9.56 -5.52 12.35
CA ASN A 108 -10.18 -4.37 12.92
CA ASN A 108 -10.23 -4.35 12.84
C ASN A 108 -9.18 -3.24 12.88
C ASN A 108 -9.20 -3.26 13.06
N ASP A 109 -9.66 -2.02 13.10
CA ASP A 109 -8.77 -0.91 13.42
C ASP A 109 -9.48 0.15 14.24
N THR A 110 -8.66 0.92 14.91
CA THR A 110 -9.12 1.86 15.90
C THR A 110 -8.81 3.27 15.43
N GLY A 111 -8.50 3.43 14.15
CA GLY A 111 -8.13 4.72 13.58
C GLY A 111 -6.93 4.54 12.68
N PHE A 112 -6.26 5.66 12.43
CA PHE A 112 -5.08 5.68 11.59
C PHE A 112 -4.20 6.89 11.97
N VAL A 113 -2.95 6.81 11.54
CA VAL A 113 -1.92 7.80 11.75
C VAL A 113 -1.43 8.30 10.39
N ASP A 114 -1.51 9.63 10.21
CA ASP A 114 -0.88 10.28 9.06
C ASP A 114 0.56 10.67 9.44
N ILE A 115 1.52 10.21 8.65
CA ILE A 115 2.93 10.47 8.91
C ILE A 115 3.34 11.85 8.41
N PRO A 116 4.25 12.51 9.15
CA PRO A 116 4.69 13.81 8.68
C PRO A 116 5.27 13.72 7.30
N LYS A 117 5.11 14.78 6.51
CA LYS A 117 5.41 14.77 5.08
C LYS A 117 6.90 14.97 4.74
N GLN A 118 7.72 14.11 5.31
CA GLN A 118 9.18 14.11 5.10
C GLN A 118 9.63 12.64 4.99
N GLU A 119 10.60 12.38 4.12
CA GLU A 119 11.19 11.03 3.97
C GLU A 119 11.86 10.51 5.25
N LYS A 120 12.40 11.42 6.07
CA LYS A 120 13.00 11.00 7.34
C LYS A 120 11.91 10.47 8.30
N ALA A 121 10.76 11.15 8.36
CA ALA A 121 9.62 10.65 9.11
C ALA A 121 9.11 9.31 8.59
N LEU A 122 9.05 9.18 7.27
CA LEU A 122 8.60 7.93 6.65
C LEU A 122 9.55 6.78 7.01
N MET A 123 10.85 7.05 7.01
CA MET A 123 11.82 6.03 7.34
C MET A 123 11.62 5.55 8.79
N LYS A 124 11.44 6.50 9.71
CA LYS A 124 11.22 6.18 11.14
C LYS A 124 9.95 5.34 11.31
N ALA A 125 8.92 5.67 10.54
CA ALA A 125 7.67 4.87 10.59
C ALA A 125 7.84 3.44 10.06
N VAL A 126 8.45 3.33 8.90
CA VAL A 126 8.69 2.04 8.31
C VAL A 126 9.55 1.18 9.28
N ALA A 127 10.55 1.78 9.90
CA ALA A 127 11.45 1.03 10.80
C ALA A 127 10.73 0.51 12.05
N THR A 128 9.76 1.27 12.55
CA THR A 128 9.14 0.96 13.83
C THR A 128 7.72 0.37 13.75
N VAL A 129 6.98 0.64 12.67
CA VAL A 129 5.57 0.27 12.62
C VAL A 129 5.33 -1.04 11.83
N GLY A 130 5.94 -1.14 10.65
CA GLY A 130 5.64 -2.18 9.69
C GLY A 130 5.36 -1.52 8.34
N PRO A 131 4.77 -2.30 7.40
CA PRO A 131 4.42 -1.72 6.09
C PRO A 131 3.52 -0.49 6.21
N ILE A 132 3.74 0.49 5.34
CA ILE A 132 3.06 1.80 5.39
C ILE A 132 2.36 2.06 4.04
N SER A 133 1.11 2.50 4.09
CA SER A 133 0.38 2.93 2.89
C SER A 133 0.93 4.27 2.39
N VAL A 134 1.24 4.40 1.10
CA VAL A 134 1.72 5.66 0.55
C VAL A 134 1.05 5.94 -0.80
N ALA A 135 1.01 7.22 -1.12
CA ALA A 135 0.60 7.76 -2.38
C ALA A 135 1.84 8.07 -3.21
N ILE A 136 1.81 7.73 -4.49
CA ILE A 136 2.88 8.13 -5.39
C ILE A 136 2.31 8.68 -6.69
N ASP A 137 3.10 9.49 -7.37
CA ASP A 137 2.87 9.89 -8.75
C ASP A 137 3.34 8.75 -9.63
N ALA A 138 2.39 7.94 -10.09
CA ALA A 138 2.67 6.80 -10.95
C ALA A 138 2.26 7.08 -12.42
N GLY A 139 1.97 8.34 -12.74
CA GLY A 139 1.42 8.70 -14.05
C GLY A 139 2.42 9.01 -15.16
N HIS A 140 3.52 8.24 -15.19
CA HIS A 140 4.47 8.29 -16.30
C HIS A 140 4.64 6.93 -16.89
N GLU A 141 4.84 6.87 -18.20
CA GLU A 141 5.01 5.59 -18.86
C GLU A 141 6.24 4.82 -18.35
N SER A 142 7.23 5.55 -17.83
CA SER A 142 8.42 4.93 -17.21
C SER A 142 8.03 3.98 -16.06
N PHE A 143 6.99 4.35 -15.32
CA PHE A 143 6.49 3.51 -14.24
C PHE A 143 5.72 2.31 -14.79
N LEU A 144 4.86 2.54 -15.78
CA LEU A 144 4.08 1.44 -16.39
C LEU A 144 5.01 0.34 -16.89
N PHE A 145 6.13 0.75 -17.51
CA PHE A 145 7.05 -0.21 -18.08
C PHE A 145 8.27 -0.53 -17.22
N TYR A 146 8.26 -0.09 -15.95
CA TYR A 146 9.34 -0.38 -15.01
C TYR A 146 9.61 -1.89 -14.93
N LYS A 147 10.88 -2.27 -14.92
CA LYS A 147 11.29 -3.69 -14.89
C LYS A 147 12.22 -4.06 -13.71
N GLU A 148 13.23 -3.23 -13.47
CA GLU A 148 14.22 -3.54 -12.44
C GLU A 148 15.02 -2.30 -12.07
N GLY A 149 15.72 -2.38 -10.94
CA GLY A 149 16.58 -1.32 -10.45
C GLY A 149 15.82 -0.25 -9.70
N ILE A 150 16.51 0.87 -9.42
CA ILE A 150 15.91 2.01 -8.73
C ILE A 150 15.18 2.92 -9.70
N TYR A 151 13.88 3.08 -9.47
CA TYR A 151 13.05 3.95 -10.28
C TYR A 151 13.31 5.42 -9.95
N PHE A 152 13.78 6.16 -10.96
CA PHE A 152 13.91 7.61 -10.90
C PHE A 152 13.33 8.25 -12.18
N GLU A 153 12.36 9.16 -11.98
CA GLU A 153 11.67 9.88 -13.04
C GLU A 153 11.79 11.39 -12.83
N PRO A 154 12.68 12.05 -13.61
CA PRO A 154 12.91 13.49 -13.47
C PRO A 154 11.64 14.35 -13.44
N ASP A 155 10.58 13.91 -14.14
CA ASP A 155 9.32 14.68 -14.19
C ASP A 155 8.31 14.27 -13.12
N CYS A 156 8.70 13.40 -12.18
CA CYS A 156 7.77 12.99 -11.11
C CYS A 156 7.39 14.19 -10.25
N SER A 157 6.14 14.21 -9.79
CA SER A 157 5.63 15.26 -8.91
C SER A 157 5.65 14.74 -7.49
N SER A 158 6.04 15.63 -6.57
CA SER A 158 5.95 15.33 -5.15
C SER A 158 4.60 15.74 -4.57
N GLU A 159 3.76 16.34 -5.42
CA GLU A 159 2.47 16.91 -5.03
C GLU A 159 1.28 16.25 -5.71
N ASP A 160 1.50 15.64 -6.88
CA ASP A 160 0.41 15.16 -7.73
C ASP A 160 0.34 13.63 -7.75
N MET A 161 -0.07 13.04 -6.64
CA MET A 161 -0.08 11.57 -6.56
C MET A 161 -1.40 10.99 -7.08
N ASP A 162 -1.30 9.83 -7.73
CA ASP A 162 -2.46 9.21 -8.36
C ASP A 162 -2.51 7.70 -8.19
N HIS A 163 -1.72 7.17 -7.26
CA HIS A 163 -1.63 5.72 -7.12
C HIS A 163 -1.24 5.35 -5.68
N GLY A 164 -2.01 4.48 -5.06
CA GLY A 164 -1.78 4.03 -3.68
C GLY A 164 -1.08 2.71 -3.70
N VAL A 165 0.05 2.61 -2.98
CA VAL A 165 0.88 1.43 -2.89
C VAL A 165 1.33 1.22 -1.43
N LEU A 166 2.25 0.27 -1.23
CA LEU A 166 2.64 -0.15 0.13
C LEU A 166 4.16 -0.17 0.26
N VAL A 167 4.72 0.60 1.17
CA VAL A 167 6.17 0.53 1.47
C VAL A 167 6.39 -0.57 2.49
N VAL A 168 7.20 -1.56 2.10
CA VAL A 168 7.46 -2.73 2.96
C VAL A 168 8.89 -2.71 3.54
N GLY A 169 9.66 -1.69 3.15
CA GLY A 169 11.03 -1.57 3.65
C GLY A 169 11.81 -0.51 2.89
N TYR A 170 13.12 -0.55 3.09
CA TYR A 170 14.03 0.38 2.44
C TYR A 170 15.45 -0.19 2.55
N GLY A 171 16.33 0.33 1.72
CA GLY A 171 17.72 -0.09 1.78
C GLY A 171 18.53 0.65 0.76
N PHE A 172 19.61 0.00 0.31
CA PHE A 172 20.59 0.61 -0.58
C PHE A 172 21.26 -0.44 -1.46
N GLU A 173 21.60 -0.04 -2.68
CA GLU A 173 22.34 -0.88 -3.59
C GLU A 173 23.83 -0.69 -3.35
N SER A 174 24.59 -1.77 -3.50
CA SER A 174 26.06 -1.70 -3.46
C SER A 174 26.59 -2.03 -4.86
N THR A 175 26.75 -0.99 -5.67
CA THR A 175 27.16 -1.13 -7.07
C THR A 175 28.17 -0.04 -7.40
N SER A 177 25.58 3.05 -7.95
CA SER A 177 26.88 3.43 -7.43
C SER A 177 26.82 4.72 -6.62
N ASP A 178 26.34 5.81 -7.25
CA ASP A 178 26.28 7.15 -6.59
C ASP A 178 25.01 7.37 -5.74
N ASN A 179 23.84 7.34 -6.37
CA ASN A 179 22.56 7.40 -5.63
C ASN A 179 21.93 6.02 -5.53
N ASN A 180 22.10 5.35 -4.40
CA ASN A 180 21.81 3.93 -4.34
C ASN A 180 20.77 3.53 -3.31
N LYS A 181 20.06 4.50 -2.72
CA LYS A 181 19.02 4.20 -1.72
C LYS A 181 17.63 4.14 -2.33
N TYR A 182 16.84 3.22 -1.78
CA TYR A 182 15.51 2.99 -2.29
C TYR A 182 14.50 2.66 -1.19
N TRP A 183 13.24 2.93 -1.52
CA TRP A 183 12.08 2.36 -0.83
C TRP A 183 11.66 1.10 -1.54
N LEU A 184 11.38 0.06 -0.78
N LEU A 184 11.43 0.04 -0.78
CA LEU A 184 10.87 -1.20 -1.33
CA LEU A 184 10.85 -1.19 -1.31
C LEU A 184 9.33 -1.15 -1.31
C LEU A 184 9.33 -1.02 -1.32
N VAL A 185 8.74 -1.08 -2.50
CA VAL A 185 7.32 -0.80 -2.67
C VAL A 185 6.60 -1.97 -3.32
N LYS A 186 5.55 -2.45 -2.64
CA LYS A 186 4.70 -3.49 -3.18
C LYS A 186 3.59 -2.82 -4.00
N ASN A 187 3.47 -3.22 -5.27
CA ASN A 187 2.40 -2.71 -6.13
C ASN A 187 1.28 -3.76 -6.14
N SER A 188 0.19 -3.42 -6.85
CA SER A 188 -0.95 -4.30 -6.98
C SER A 188 -1.29 -4.55 -8.45
N TRP A 189 -0.25 -4.74 -9.24
CA TRP A 189 -0.37 -4.96 -10.69
C TRP A 189 0.06 -6.35 -11.13
N GLY A 190 0.05 -7.31 -10.19
CA GLY A 190 0.50 -8.65 -10.47
C GLY A 190 1.99 -8.81 -10.35
N GLU A 191 2.42 -10.06 -10.27
CA GLU A 191 3.84 -10.43 -10.14
C GLU A 191 4.68 -10.23 -11.39
N GLU A 192 4.00 -10.09 -12.54
N GLU A 192 4.07 -10.06 -12.55
CA GLU A 192 4.63 -9.91 -13.85
CA GLU A 192 4.86 -9.95 -13.76
C GLU A 192 5.30 -8.55 -14.00
C GLU A 192 5.05 -8.49 -14.20
N TRP A 193 4.76 -7.56 -13.29
CA TRP A 193 5.18 -6.17 -13.41
C TRP A 193 6.36 -5.94 -12.47
N GLY A 194 7.29 -5.10 -12.89
CA GLY A 194 8.45 -4.80 -12.05
C GLY A 194 9.25 -6.03 -11.63
N MET A 195 9.71 -6.00 -10.38
CA MET A 195 10.53 -7.05 -9.81
C MET A 195 9.64 -7.92 -8.97
N GLY A 196 9.03 -8.91 -9.59
CA GLY A 196 8.05 -9.75 -8.90
C GLY A 196 6.85 -9.00 -8.35
N GLY A 197 6.49 -7.87 -8.97
CA GLY A 197 5.37 -7.04 -8.48
C GLY A 197 5.80 -5.87 -7.58
N TYR A 198 7.12 -5.79 -7.29
CA TYR A 198 7.73 -4.74 -6.49
C TYR A 198 8.50 -3.71 -7.34
N VAL A 199 8.66 -2.52 -6.80
CA VAL A 199 9.48 -1.47 -7.40
C VAL A 199 10.37 -0.88 -6.31
N LYS A 200 11.68 -0.92 -6.55
N LYS A 200 11.58 -0.46 -6.70
CA LYS A 200 12.64 -0.30 -5.65
CA LYS A 200 12.42 0.44 -5.89
C LYS A 200 12.64 1.13 -6.11
C LYS A 200 12.20 1.91 -6.25
N MET A 201 12.07 2.05 -5.31
N MET A 201 11.61 2.67 -5.33
CA MET A 201 11.83 3.46 -5.70
CA MET A 201 11.41 4.07 -5.59
C MET A 201 12.90 4.38 -5.10
C MET A 201 12.55 4.81 -4.96
N ALA A 202 13.33 5.45 -5.80
CA ALA A 202 14.39 6.33 -5.29
C ALA A 202 14.05 6.97 -3.94
N LYS A 203 14.97 6.82 -2.98
CA LYS A 203 14.81 7.31 -1.62
C LYS A 203 15.85 8.40 -1.32
N ASP A 204 15.42 9.41 -0.57
CA ASP A 204 16.26 10.55 -0.16
C ASP A 204 16.72 11.35 -1.39
N ARG A 205 15.80 11.45 -2.35
CA ARG A 205 16.01 12.25 -3.55
C ARG A 205 14.83 13.22 -3.72
N ARG A 206 14.71 14.10 -2.71
CA ARG A 206 13.73 15.19 -2.70
CA ARG A 206 13.72 15.19 -2.69
C ARG A 206 12.28 14.67 -2.78
N ASN A 207 11.98 13.69 -1.95
CA ASN A 207 10.62 13.12 -1.88
C ASN A 207 10.14 12.72 -3.27
N HIS A 208 10.89 11.85 -3.92
N HIS A 208 10.92 11.86 -3.93
CA HIS A 208 10.64 11.51 -5.33
CA HIS A 208 10.65 11.42 -5.30
C HIS A 208 9.30 10.82 -5.51
C HIS A 208 9.26 10.84 -5.46
N CYS A 209 8.52 11.38 -6.43
CA CYS A 209 7.16 10.93 -6.76
C CYS A 209 6.16 11.08 -5.60
N GLY A 210 6.49 11.90 -4.60
CA GLY A 210 5.58 12.21 -3.49
C GLY A 210 5.38 11.10 -2.49
N ILE A 211 6.32 10.15 -2.46
CA ILE A 211 6.21 8.95 -1.63
C ILE A 211 5.98 9.25 -0.13
N ALA A 212 6.52 10.36 0.37
CA ALA A 212 6.30 10.79 1.76
C ALA A 212 5.17 11.82 1.92
N SER A 213 4.46 12.17 0.83
CA SER A 213 3.48 13.22 0.88
C SER A 213 2.11 12.86 1.48
N ALA A 214 1.77 11.58 1.44
CA ALA A 214 0.47 11.11 1.98
C ALA A 214 0.60 9.68 2.46
N ALA A 215 1.48 9.51 3.44
CA ALA A 215 1.74 8.18 3.99
C ALA A 215 0.95 7.99 5.30
N SER A 216 0.46 6.77 5.50
CA SER A 216 -0.36 6.49 6.69
C SER A 216 -0.43 5.00 6.98
N TYR A 217 -0.92 4.67 8.18
CA TYR A 217 -1.14 3.31 8.56
C TYR A 217 -2.25 3.22 9.58
N PRO A 218 -2.88 2.04 9.70
CA PRO A 218 -3.99 1.94 10.66
C PRO A 218 -3.46 1.64 12.06
N THR A 219 -4.20 2.03 13.06
CA THR A 219 -3.91 1.55 14.40
C THR A 219 -4.83 0.37 14.71
N VAL A 220 -4.33 -0.60 15.47
CA VAL A 220 -5.09 -1.84 15.73
C VAL A 220 -5.15 -2.17 17.22
C1 YJ8 B . -5.51 7.21 -5.93
N2 YJ8 B . -6.16 8.46 -5.67
C3 YJ8 B . -6.18 8.75 -4.25
C4 YJ8 B . -5.11 7.83 -3.62
C5 YJ8 B . -5.25 6.62 -4.53
C6 YJ8 B . -6.38 6.22 -6.72
O7 YJ8 B . -7.50 5.82 -6.32
S8 YJ8 B . -3.47 8.41 -3.64
C9 YJ8 B . -3.51 9.80 -2.68
C10 YJ8 B . -3.71 9.84 -1.32
C11 YJ8 B . -3.74 11.03 -0.60
C12 YJ8 B . -3.58 12.26 -1.23
C13 YJ8 B . -3.39 12.26 -2.62
C14 YJ8 B . -3.36 11.06 -3.30
CL YJ8 B . -3.89 8.46 -0.43
N16 YJ8 B . -5.74 5.79 -7.85
C17 YJ8 B . -6.22 4.74 -8.65
C18 YJ8 B . -5.80 3.40 -8.23
C19 YJ8 B . -7.60 4.93 -9.27
C20 YJ8 B . -6.40 4.99 -10.15
C21 YJ8 B . -6.44 9.33 -6.71
O22 YJ8 B . -6.19 8.91 -7.86
C23 YJ8 B . -7.13 10.65 -6.41
C24 YJ8 B . -8.36 10.46 -5.65
C25 YJ8 B . -9.36 9.59 -6.14
C26 YJ8 B . -10.51 9.41 -5.41
C27 YJ8 B . -10.65 10.03 -4.18
C28 YJ8 B . -9.67 10.85 -3.65
C29 YJ8 B . -8.50 11.06 -4.39
I30 YJ8 B . -12.39 9.65 -3.10
C31 YJ8 B . -6.18 11.80 -6.15
C32 YJ8 B . -7.01 11.76 -7.40
O33 YJ8 B . -2.69 7.37 -3.04
O34 YJ8 B . -3.10 8.76 -4.96
N35 YJ8 B . -6.07 2.34 -8.93
H1 YJ8 B . -4.54 7.37 -6.48
H3 YJ8 B . -5.94 9.84 -4.06
H3A YJ8 B . -7.21 8.55 -3.85
H4 YJ8 B . -5.46 7.54 -2.59
H5 YJ8 B . -4.32 6.00 -4.52
H5A YJ8 B . -6.11 5.98 -4.24
H11 YJ8 B . -3.88 11.00 0.49
H12 YJ8 B . -3.61 13.19 -0.66
H13 YJ8 B . -3.27 13.22 -3.15
H14 YJ8 B . -3.22 11.08 -4.41
H19 YJ8 B . -8.27 4.05 -9.30
H20 YJ8 B . -6.19 4.16 -10.84
H25 YJ8 B . -9.25 9.10 -7.13
H26 YJ8 B . -11.30 8.74 -5.80
H28 YJ8 B . -9.79 11.33 -2.68
H29 YJ8 B . -7.71 11.72 -3.99
H31 YJ8 B . -6.44 12.53 -5.36
H32 YJ8 B . -7.86 12.46 -7.50
H46 YJ8 B . -4.90 6.20 -8.14
H48 YJ8 B . -8.16 5.87 -9.04
H50 YJ8 B . -6.07 5.96 -10.55
H56 YJ8 B . -5.10 11.61 -6.21
H58 YJ8 B . -6.51 11.56 -8.38
C1 GOL C . -3.02 -1.96 -15.35
O1 GOL C . -2.38 -0.72 -15.69
C2 GOL C . -2.01 -2.86 -14.66
O2 GOL C . -0.78 -2.90 -15.41
C3 GOL C . -2.55 -4.29 -14.46
O3 GOL C . -3.28 -4.42 -13.23
H11 GOL C . -3.40 -2.44 -16.26
H12 GOL C . -3.87 -1.77 -14.69
HO1 GOL C . -2.13 -0.26 -14.87
H2 GOL C . -1.81 -2.43 -13.67
H31 GOL C . -1.70 -4.97 -14.43
H32 GOL C . -3.16 -4.58 -15.31
#